data_2O52
#
_entry.id   2O52
#
_cell.length_a   67.528
_cell.length_b   67.528
_cell.length_c   179.955
_cell.angle_alpha   90.00
_cell.angle_beta   90.00
_cell.angle_gamma   90.00
#
_symmetry.space_group_name_H-M   'P 43 21 2'
#
loop_
_entity.id
_entity.type
_entity.pdbx_description
1 polymer 'Ras-related protein Rab-4B'
2 non-polymer 'MAGNESIUM ION'
3 non-polymer "GUANOSINE-5'-DIPHOSPHATE"
4 non-polymer BETA-MERCAPTOETHANOL
5 non-polymer 'UNKNOWN ATOM OR ION'
6 water water
#
_entity_poly.entity_id   1
_entity_poly.type   'polypeptide(L)'
_entity_poly.pdbx_seq_one_letter_code
;MGSSHHHHHHSSGLVPRGSIWSDFLFKFLVIGSAGTGKSCLLHQFIENKFKQDSNHTIGVEFGSRVVNVGGKTVKLQIWD
TAGQERFRSVTRSYYRGAAGALLVYDITSRETYNSLAAWLTDARTLASPNIVVILCGNKKDLDPEREVTFLEASRFAQEN
ELMFLETSALTGENVEEAFLKCARTILNKIDSGELDPERM
;
_entity_poly.pdbx_strand_id   A,B
#
# COMPACT_ATOMS: atom_id res chain seq x y z
N SER A 22 -20.69 28.00 -1.39
CA SER A 22 -20.47 27.26 -0.11
C SER A 22 -19.53 28.05 0.78
N ASP A 23 -19.68 27.93 2.09
CA ASP A 23 -18.83 28.70 3.02
C ASP A 23 -17.43 28.08 3.26
N PHE A 24 -17.34 26.76 3.09
CA PHE A 24 -16.08 26.02 3.21
C PHE A 24 -15.98 25.02 2.08
N LEU A 25 -14.75 24.81 1.62
CA LEU A 25 -14.47 23.81 0.57
C LEU A 25 -13.36 22.95 1.09
N PHE A 26 -13.62 21.66 1.24
CA PHE A 26 -12.62 20.76 1.82
C PHE A 26 -12.42 19.52 0.98
N LYS A 27 -11.15 19.14 0.83
CA LYS A 27 -10.78 17.88 0.24
C LYS A 27 -10.68 16.85 1.39
N PHE A 28 -11.35 15.74 1.21
CA PHE A 28 -11.42 14.69 2.22
C PHE A 28 -10.90 13.39 1.65
N LEU A 29 -10.27 12.58 2.51
CA LEU A 29 -9.81 11.24 2.09
C LEU A 29 -10.61 10.16 2.79
N VAL A 30 -10.44 8.94 2.30
CA VAL A 30 -10.97 7.75 2.97
C VAL A 30 -9.89 6.70 2.78
N ILE A 31 -9.13 6.46 3.85
CA ILE A 31 -7.93 5.64 3.81
C ILE A 31 -8.00 4.46 4.77
N GLY A 32 -7.13 3.49 4.53
CA GLY A 32 -7.14 2.24 5.22
C GLY A 32 -6.84 1.08 4.29
N SER A 33 -6.76 -0.11 4.83
CA SER A 33 -6.46 -1.31 4.05
C SER A 33 -7.47 -1.56 2.95
N ALA A 34 -6.98 -2.17 1.87
CA ALA A 34 -7.82 -2.66 0.82
C ALA A 34 -8.89 -3.58 1.38
N GLY A 35 -10.11 -3.45 0.88
CA GLY A 35 -11.22 -4.34 1.26
C GLY A 35 -11.93 -4.02 2.57
N THR A 36 -11.71 -2.82 3.12
CA THR A 36 -12.27 -2.48 4.43
C THR A 36 -13.62 -1.78 4.35
N GLY A 37 -14.03 -1.44 3.13
CA GLY A 37 -15.29 -0.75 2.85
C GLY A 37 -15.20 0.74 2.51
N LYS A 38 -14.01 1.21 2.13
CA LYS A 38 -13.78 2.64 1.93
C LYS A 38 -14.63 3.21 0.78
N SER A 39 -14.67 2.48 -0.34
CA SER A 39 -15.46 2.93 -1.47
C SER A 39 -16.96 2.82 -1.22
N CYS A 40 -17.37 1.82 -0.42
CA CYS A 40 -18.78 1.69 -0.03
C CYS A 40 -19.22 2.79 0.93
N LEU A 41 -18.32 3.24 1.79
CA LEU A 41 -18.64 4.38 2.68
C LEU A 41 -18.93 5.62 1.83
N LEU A 42 -18.05 5.92 0.87
CA LEU A 42 -18.27 7.02 -0.06
C LEU A 42 -19.57 6.89 -0.84
N HIS A 43 -19.82 5.74 -1.44
CA HIS A 43 -21.03 5.52 -2.25
C HIS A 43 -22.31 5.67 -1.40
N GLN A 44 -22.26 5.16 -0.17
CA GLN A 44 -23.37 5.29 0.77
C GLN A 44 -23.63 6.77 1.09
N PHE A 45 -22.56 7.53 1.41
CA PHE A 45 -22.65 8.94 1.76
C PHE A 45 -23.19 9.85 0.63
N ILE A 46 -22.88 9.52 -0.62
CA ILE A 46 -23.30 10.36 -1.76
C ILE A 46 -24.54 9.83 -2.50
N GLU A 47 -24.67 8.50 -2.61
CA GLU A 47 -25.69 7.89 -3.48
C GLU A 47 -26.63 7.00 -2.68
N VAL A 60 -16.12 4.88 -8.74
CA VAL A 60 -16.19 6.30 -8.33
C VAL A 60 -14.83 6.92 -7.90
N GLU A 61 -14.41 7.97 -8.61
CA GLU A 61 -13.08 8.57 -8.44
C GLU A 61 -13.13 9.54 -7.28
N PHE A 62 -14.20 10.31 -7.23
CA PHE A 62 -14.44 11.20 -6.12
C PHE A 62 -15.93 11.42 -6.02
N GLY A 63 -16.34 12.04 -4.94
CA GLY A 63 -17.68 12.50 -4.84
C GLY A 63 -17.70 13.82 -4.14
N SER A 64 -18.68 14.64 -4.49
CA SER A 64 -18.89 15.86 -3.74
C SER A 64 -20.30 15.91 -3.15
N ARG A 65 -20.39 16.48 -1.96
CA ARG A 65 -21.67 16.68 -1.29
C ARG A 65 -21.58 17.90 -0.38
N VAL A 66 -22.56 18.78 -0.46
CA VAL A 66 -22.66 19.95 0.42
C VAL A 66 -23.40 19.57 1.69
N VAL A 67 -22.74 19.71 2.84
CA VAL A 67 -23.38 19.41 4.13
C VAL A 67 -23.53 20.69 4.96
N ASN A 68 -24.68 20.82 5.63
CA ASN A 68 -24.91 21.91 6.55
C ASN A 68 -24.31 21.61 7.93
N VAL A 69 -23.34 22.41 8.36
CA VAL A 69 -22.83 22.36 9.72
C VAL A 69 -22.94 23.77 10.35
N GLY A 70 -23.88 23.91 11.31
CA GLY A 70 -24.04 25.16 12.08
C GLY A 70 -24.41 26.33 11.19
N GLY A 71 -25.33 26.06 10.26
CA GLY A 71 -25.80 27.06 9.30
C GLY A 71 -24.79 27.47 8.25
N LYS A 72 -23.69 26.72 8.15
CA LYS A 72 -22.66 26.93 7.14
C LYS A 72 -22.62 25.73 6.23
N THR A 73 -22.59 25.97 4.93
CA THR A 73 -22.44 24.90 3.97
C THR A 73 -20.94 24.57 3.86
N VAL A 74 -20.60 23.30 4.08
CA VAL A 74 -19.28 22.78 3.78
C VAL A 74 -19.38 21.87 2.54
N LYS A 75 -18.70 22.25 1.46
CA LYS A 75 -18.64 21.40 0.26
C LYS A 75 -17.49 20.46 0.39
N LEU A 76 -17.79 19.18 0.42
CA LEU A 76 -16.79 18.13 0.56
C LEU A 76 -16.47 17.57 -0.80
N GLN A 77 -15.18 17.44 -1.09
CA GLN A 77 -14.76 16.70 -2.28
C GLN A 77 -13.99 15.51 -1.75
N ILE A 78 -14.59 14.33 -1.84
CA ILE A 78 -14.03 13.15 -1.18
C ILE A 78 -13.40 12.29 -2.26
N TRP A 79 -12.10 12.07 -2.11
CA TRP A 79 -11.28 11.31 -3.08
C TRP A 79 -11.26 9.88 -2.66
N ASP A 80 -11.58 9.01 -3.63
CA ASP A 80 -11.47 7.56 -3.52
C ASP A 80 -10.09 7.14 -4.03
N THR A 81 -9.50 6.10 -3.45
CA THR A 81 -8.16 5.69 -3.78
C THR A 81 -8.09 4.99 -5.16
N ALA A 82 -9.25 4.71 -5.72
CA ALA A 82 -9.37 3.96 -6.97
C ALA A 82 -8.70 2.57 -6.95
N GLY A 83 -8.64 1.92 -5.77
CA GLY A 83 -8.16 0.54 -5.65
C GLY A 83 -6.65 0.38 -5.62
N GLN A 84 -5.93 1.49 -5.80
CA GLN A 84 -4.50 1.54 -5.93
C GLN A 84 -3.74 0.88 -4.78
N GLU A 85 -4.30 0.97 -3.58
CA GLU A 85 -3.71 0.36 -2.40
C GLU A 85 -3.74 -1.17 -2.44
N ARG A 86 -4.60 -1.78 -3.26
CA ARG A 86 -4.56 -3.24 -3.47
C ARG A 86 -3.26 -3.61 -4.22
N PHE A 87 -2.71 -2.67 -5.01
CA PHE A 87 -1.67 -3.00 -5.97
C PHE A 87 -0.32 -2.37 -5.74
N ARG A 88 -0.29 -1.29 -4.96
CA ARG A 88 0.93 -0.51 -4.79
C ARG A 88 0.79 0.50 -3.66
N SER A 89 1.84 1.25 -3.39
CA SER A 89 1.74 2.43 -2.51
C SER A 89 0.75 3.47 -3.08
N VAL A 90 0.07 4.18 -2.19
CA VAL A 90 -0.88 5.17 -2.64
C VAL A 90 -0.09 6.39 -3.04
N THR A 91 -0.42 6.94 -4.20
CA THR A 91 0.28 8.12 -4.73
C THR A 91 0.13 9.27 -3.73
N ARG A 92 1.22 10.00 -3.48
CA ARG A 92 1.15 11.11 -2.54
C ARG A 92 0.23 12.25 -2.97
N SER A 93 -0.06 12.34 -4.27
CA SER A 93 -0.99 13.33 -4.80
C SER A 93 -2.44 13.10 -4.31
N TYR A 94 -2.74 11.85 -3.95
CA TYR A 94 -4.02 11.50 -3.35
C TYR A 94 -4.28 12.29 -2.03
N TYR A 95 -3.30 12.30 -1.14
CA TYR A 95 -3.37 12.98 0.18
C TYR A 95 -3.26 14.48 0.15
N ARG A 96 -2.47 15.00 -0.81
CA ARG A 96 -2.02 16.35 -0.74
C ARG A 96 -3.24 17.31 -0.66
N GLY A 97 -3.19 18.25 0.29
CA GLY A 97 -4.21 19.28 0.44
C GLY A 97 -5.45 18.88 1.21
N ALA A 98 -5.47 17.67 1.77
CA ALA A 98 -6.69 17.17 2.42
C ALA A 98 -6.79 17.79 3.81
N ALA A 99 -7.98 18.27 4.13
CA ALA A 99 -8.28 18.83 5.45
C ALA A 99 -8.76 17.73 6.44
N GLY A 100 -9.45 16.72 5.93
CA GLY A 100 -10.04 15.66 6.77
C GLY A 100 -9.87 14.30 6.16
N ALA A 101 -9.95 13.26 7.00
CA ALA A 101 -9.91 11.87 6.51
C ALA A 101 -10.72 10.93 7.37
N LEU A 102 -11.42 10.00 6.72
CA LEU A 102 -11.86 8.80 7.42
C LEU A 102 -10.69 7.78 7.38
N LEU A 103 -10.25 7.34 8.55
CA LEU A 103 -9.35 6.22 8.70
C LEU A 103 -10.19 4.99 9.02
N VAL A 104 -10.23 4.03 8.08
CA VAL A 104 -11.14 2.88 8.10
C VAL A 104 -10.40 1.54 8.32
N TYR A 105 -10.94 0.70 9.22
CA TYR A 105 -10.54 -0.71 9.33
C TYR A 105 -11.82 -1.52 9.28
N ASP A 106 -11.67 -2.85 9.14
CA ASP A 106 -12.77 -3.79 9.07
C ASP A 106 -12.84 -4.48 10.44
N ILE A 107 -14.01 -4.42 11.11
CA ILE A 107 -14.11 -5.00 12.47
C ILE A 107 -13.86 -6.53 12.48
N THR A 108 -14.01 -7.17 11.31
CA THR A 108 -13.77 -8.60 11.14
C THR A 108 -12.31 -8.95 10.80
N SER A 109 -11.42 -7.96 10.76
CA SER A 109 -10.03 -8.18 10.38
C SER A 109 -9.04 -7.37 11.19
N ARG A 110 -8.39 -8.03 12.14
CA ARG A 110 -7.37 -7.42 12.98
C ARG A 110 -6.17 -6.88 12.19
N GLU A 111 -5.86 -7.56 11.09
CA GLU A 111 -4.77 -7.15 10.21
C GLU A 111 -5.01 -5.71 9.66
N THR A 112 -6.25 -5.41 9.28
CA THR A 112 -6.64 -4.05 8.87
C THR A 112 -6.58 -3.08 10.05
N TYR A 113 -6.94 -3.57 11.23
CA TYR A 113 -6.86 -2.77 12.44
C TYR A 113 -5.43 -2.46 12.80
N ASN A 114 -4.55 -3.46 12.74
CA ASN A 114 -3.11 -3.27 13.05
C ASN A 114 -2.39 -2.36 12.05
N SER A 115 -2.99 -2.14 10.88
CA SER A 115 -2.36 -1.30 9.87
C SER A 115 -2.62 0.20 10.09
N LEU A 116 -3.49 0.56 11.05
CA LEU A 116 -3.96 1.95 11.25
C LEU A 116 -2.88 2.97 11.49
N ALA A 117 -1.87 2.62 12.31
CA ALA A 117 -0.78 3.57 12.59
C ALA A 117 -0.06 4.02 11.29
N ALA A 118 0.15 3.10 10.37
CA ALA A 118 0.88 3.40 9.14
C ALA A 118 0.02 4.32 8.26
N TRP A 119 -1.25 4.01 8.13
CA TRP A 119 -2.16 4.87 7.38
C TRP A 119 -2.26 6.28 7.99
N LEU A 120 -2.34 6.36 9.32
CA LEU A 120 -2.39 7.64 10.04
C LEU A 120 -1.10 8.46 9.90
N THR A 121 0.05 7.82 10.03
CA THR A 121 1.31 8.47 9.77
C THR A 121 1.39 8.96 8.30
N ASP A 122 1.01 8.11 7.35
CA ASP A 122 0.97 8.52 5.93
C ASP A 122 0.07 9.75 5.77
N ALA A 123 -1.12 9.72 6.38
CA ALA A 123 -2.05 10.85 6.25
C ALA A 123 -1.43 12.15 6.78
N ARG A 124 -0.80 12.05 7.94
CA ARG A 124 -0.19 13.19 8.60
C ARG A 124 1.11 13.67 7.95
N THR A 125 1.79 12.82 7.20
CA THR A 125 3.01 13.23 6.49
C THR A 125 2.72 13.74 5.07
N LEU A 126 1.77 13.12 4.37
CA LEU A 126 1.49 13.47 2.96
C LEU A 126 0.35 14.43 2.74
N ALA A 127 -0.58 14.50 3.70
CA ALA A 127 -1.58 15.54 3.71
C ALA A 127 -1.01 16.70 4.53
N SER A 128 -1.11 16.61 5.86
CA SER A 128 -0.45 17.55 6.81
C SER A 128 -0.71 17.07 8.25
N PRO A 129 0.11 17.53 9.22
CA PRO A 129 -0.06 17.09 10.60
C PRO A 129 -1.35 17.57 11.23
N ASN A 130 -2.04 18.49 10.55
CA ASN A 130 -3.31 19.05 11.00
C ASN A 130 -4.56 18.45 10.35
N ILE A 131 -4.41 17.39 9.57
CA ILE A 131 -5.56 16.72 8.98
C ILE A 131 -6.44 16.19 10.14
N VAL A 132 -7.75 16.41 10.08
CA VAL A 132 -8.65 15.89 11.11
C VAL A 132 -9.08 14.48 10.68
N VAL A 133 -8.83 13.50 11.54
CA VAL A 133 -9.03 12.11 11.19
C VAL A 133 -10.05 11.49 12.10
N ILE A 134 -11.08 10.88 11.53
CA ILE A 134 -12.05 10.12 12.32
C ILE A 134 -11.90 8.62 11.99
N LEU A 135 -11.67 7.85 13.06
CA LEU A 135 -11.52 6.42 12.98
C LEU A 135 -12.88 5.76 12.78
N CYS A 136 -12.94 4.85 11.81
CA CYS A 136 -14.16 4.11 11.47
C CYS A 136 -13.91 2.62 11.48
N GLY A 137 -14.55 1.93 12.42
CA GLY A 137 -14.56 0.48 12.43
C GLY A 137 -15.70 0.06 11.58
N ASN A 138 -15.43 -0.35 10.35
CA ASN A 138 -16.50 -0.60 9.40
C ASN A 138 -16.98 -2.05 9.43
N LYS A 139 -18.13 -2.27 8.83
CA LYS A 139 -18.75 -3.59 8.68
C LYS A 139 -19.37 -4.03 10.01
N LYS A 140 -19.89 -3.05 10.76
CA LYS A 140 -20.48 -3.25 12.08
C LYS A 140 -21.60 -4.31 12.04
N ASP A 141 -22.30 -4.37 10.90
CA ASP A 141 -23.36 -5.37 10.65
C ASP A 141 -22.89 -6.82 10.67
N LEU A 142 -21.57 -7.04 10.52
CA LEU A 142 -20.98 -8.39 10.59
C LEU A 142 -20.43 -8.69 11.98
N ASP A 143 -21.22 -8.34 13.01
CA ASP A 143 -20.84 -8.50 14.44
C ASP A 143 -20.53 -9.94 14.86
N PRO A 144 -21.21 -10.95 14.26
CA PRO A 144 -20.86 -12.36 14.55
C PRO A 144 -19.41 -12.71 14.24
N GLU A 145 -18.87 -12.15 13.16
CA GLU A 145 -17.53 -12.48 12.75
C GLU A 145 -16.52 -11.38 13.12
N ARG A 146 -16.95 -10.50 14.01
CA ARG A 146 -16.06 -9.54 14.67
C ARG A 146 -14.75 -10.11 15.22
N GLU A 147 -13.66 -9.39 14.98
CA GLU A 147 -12.35 -9.73 15.58
C GLU A 147 -11.71 -8.55 16.34
N VAL A 148 -12.30 -7.34 16.24
CA VAL A 148 -11.77 -6.18 16.91
C VAL A 148 -12.84 -5.66 17.83
N THR A 149 -12.46 -5.37 19.08
CA THR A 149 -13.46 -4.94 20.07
C THR A 149 -13.66 -3.42 19.99
N PHE A 150 -14.88 -2.98 20.30
CA PHE A 150 -15.22 -1.57 20.35
C PHE A 150 -14.24 -0.85 21.23
N LEU A 151 -13.86 -1.51 22.31
CA LEU A 151 -13.15 -0.85 23.38
C LEU A 151 -11.66 -0.71 23.15
N GLU A 152 -11.03 -1.73 22.56
CA GLU A 152 -9.64 -1.60 22.18
C GLU A 152 -9.47 -0.54 21.06
N ALA A 153 -10.43 -0.52 20.11
CA ALA A 153 -10.43 0.50 19.05
C ALA A 153 -10.63 1.90 19.60
N SER A 154 -11.54 2.03 20.57
CA SER A 154 -11.80 3.34 21.16
C SER A 154 -10.60 3.86 21.96
N ARG A 155 -9.85 2.94 22.60
CA ARG A 155 -8.58 3.27 23.26
C ARG A 155 -7.53 3.73 22.25
N PHE A 156 -7.42 3.03 21.11
CA PHE A 156 -6.55 3.48 20.02
C PHE A 156 -6.86 4.92 19.61
N ALA A 157 -8.14 5.25 19.43
CA ALA A 157 -8.56 6.61 19.01
C ALA A 157 -8.20 7.65 20.04
N GLN A 158 -8.63 7.42 21.29
CA GLN A 158 -8.27 8.30 22.41
C GLN A 158 -6.77 8.54 22.47
N GLU A 159 -5.99 7.48 22.38
CA GLU A 159 -4.52 7.60 22.43
C GLU A 159 -3.91 8.40 21.25
N ASN A 160 -4.65 8.49 20.14
CA ASN A 160 -4.16 9.08 18.90
C ASN A 160 -4.93 10.34 18.50
N GLU A 161 -5.70 10.91 19.42
CA GLU A 161 -6.45 12.18 19.21
C GLU A 161 -7.47 12.08 18.06
N LEU A 162 -8.06 10.89 17.92
CA LEU A 162 -9.03 10.64 16.86
C LEU A 162 -10.40 10.44 17.46
N MET A 163 -11.40 10.94 16.77
CA MET A 163 -12.79 10.59 17.02
CA MET A 163 -12.76 10.56 17.10
C MET A 163 -12.99 9.17 16.49
N PHE A 164 -13.95 8.44 17.03
CA PHE A 164 -14.19 7.06 16.67
C PHE A 164 -15.67 6.74 16.56
N LEU A 165 -16.02 5.98 15.53
CA LEU A 165 -17.34 5.43 15.32
C LEU A 165 -17.15 4.07 14.68
N GLU A 166 -18.12 3.18 14.91
CA GLU A 166 -18.23 1.97 14.13
C GLU A 166 -19.36 2.21 13.11
N THR A 167 -19.21 1.69 11.90
CA THR A 167 -20.04 2.07 10.77
C THR A 167 -20.44 0.84 10.01
N SER A 168 -21.53 0.93 9.27
CA SER A 168 -21.80 -0.01 8.22
C SER A 168 -22.15 0.78 6.99
N ALA A 169 -21.43 0.49 5.91
CA ALA A 169 -21.70 1.04 4.60
C ALA A 169 -22.84 0.28 3.92
N LEU A 170 -23.03 -0.99 4.31
CA LEU A 170 -24.12 -1.83 3.79
C LEU A 170 -25.49 -1.32 4.27
N THR A 171 -25.64 -1.15 5.58
CA THR A 171 -26.90 -0.63 6.19
C THR A 171 -26.96 0.89 6.20
N GLY A 172 -25.80 1.52 6.38
CA GLY A 172 -25.69 3.00 6.38
C GLY A 172 -25.48 3.55 7.77
N GLU A 173 -25.46 2.66 8.78
CA GLU A 173 -25.34 3.09 10.16
C GLU A 173 -24.06 3.89 10.38
N ASN A 174 -24.22 5.12 10.86
CA ASN A 174 -23.07 5.99 11.24
C ASN A 174 -22.21 6.51 10.08
N VAL A 175 -22.59 6.23 8.84
CA VAL A 175 -21.84 6.68 7.66
C VAL A 175 -21.88 8.22 7.52
N GLU A 176 -23.08 8.78 7.37
CA GLU A 176 -23.27 10.24 7.33
C GLU A 176 -22.61 10.96 8.52
N GLU A 177 -22.75 10.35 9.69
CA GLU A 177 -22.28 10.94 10.93
C GLU A 177 -20.74 11.02 11.03
N ALA A 178 -20.06 10.03 10.47
CA ALA A 178 -18.59 10.04 10.41
C ALA A 178 -18.13 11.23 9.56
N PHE A 179 -18.68 11.34 8.37
CA PHE A 179 -18.35 12.50 7.55
C PHE A 179 -18.73 13.80 8.24
N LEU A 180 -19.92 13.85 8.84
CA LEU A 180 -20.37 15.07 9.54
C LEU A 180 -19.48 15.39 10.74
N LYS A 181 -19.17 14.39 11.56
CA LYS A 181 -18.27 14.59 12.70
C LYS A 181 -16.92 15.14 12.28
N CYS A 182 -16.36 14.60 11.19
CA CYS A 182 -15.06 15.08 10.68
C CYS A 182 -15.12 16.56 10.28
N ALA A 183 -16.16 16.92 9.51
CA ALA A 183 -16.38 18.30 9.03
C ALA A 183 -16.62 19.24 10.22
N ARG A 184 -17.44 18.77 11.17
CA ARG A 184 -17.79 19.52 12.38
C ARG A 184 -16.55 19.80 13.24
N THR A 185 -15.67 18.82 13.35
CA THR A 185 -14.43 19.00 14.13
C THR A 185 -13.50 20.03 13.49
N ILE A 186 -13.46 20.03 12.16
CA ILE A 186 -12.64 20.97 11.42
C ILE A 186 -13.12 22.40 11.71
N LEU A 187 -14.43 22.61 11.62
CA LEU A 187 -15.02 23.92 11.90
C LEU A 187 -14.82 24.37 13.37
N ASN A 188 -14.93 23.44 14.32
CA ASN A 188 -14.65 23.77 15.73
C ASN A 188 -13.20 24.24 15.91
N LYS A 189 -12.27 23.58 15.23
CA LYS A 189 -10.86 23.95 15.35
C LYS A 189 -10.58 25.28 14.62
N ILE A 190 -11.30 25.54 13.55
CA ILE A 190 -11.25 26.84 12.90
C ILE A 190 -11.78 27.92 13.87
N ASP A 191 -12.98 27.68 14.42
CA ASP A 191 -13.60 28.62 15.37
C ASP A 191 -12.71 28.94 16.59
N SER A 192 -12.08 27.92 17.17
CA SER A 192 -11.18 28.10 18.31
C SER A 192 -9.76 28.59 17.96
N GLY A 193 -9.49 28.81 16.68
CA GLY A 193 -8.16 29.28 16.22
C GLY A 193 -7.08 28.22 16.22
N GLU A 194 -7.48 26.95 16.34
CA GLU A 194 -6.54 25.82 16.26
C GLU A 194 -6.08 25.62 14.81
N LEU A 195 -7.02 25.71 13.88
CA LEU A 195 -6.74 25.66 12.46
C LEU A 195 -6.88 27.04 11.87
N ASP A 196 -5.84 27.47 11.15
CA ASP A 196 -5.83 28.70 10.38
C ASP A 196 -6.57 28.46 9.06
N PRO A 197 -7.80 29.02 8.91
CA PRO A 197 -8.60 28.74 7.71
C PRO A 197 -8.01 29.29 6.40
N GLU A 198 -7.21 30.34 6.53
CA GLU A 198 -6.52 30.95 5.40
C GLU A 198 -5.34 30.10 4.89
N ARG A 199 -4.98 29.03 5.62
CA ARG A 199 -3.90 28.10 5.24
C ARG A 199 -4.45 26.70 4.89
N MET A 200 -5.75 26.65 4.57
CA MET A 200 -6.45 25.41 4.23
C MET A 200 -7.11 25.55 2.86
N SER B 22 32.54 -15.57 2.70
CA SER B 22 31.92 -15.07 1.43
C SER B 22 32.46 -13.68 1.09
N ASP B 23 32.62 -13.41 -0.20
CA ASP B 23 33.23 -12.15 -0.68
C ASP B 23 32.32 -10.96 -0.42
N PHE B 24 31.00 -11.17 -0.52
CA PHE B 24 30.02 -10.12 -0.24
C PHE B 24 28.75 -10.69 0.40
N LEU B 25 28.03 -9.83 1.10
CA LEU B 25 26.70 -10.13 1.61
C LEU B 25 25.78 -9.13 0.94
N PHE B 26 24.87 -9.62 0.09
CA PHE B 26 23.93 -8.76 -0.63
C PHE B 26 22.55 -8.90 -0.03
N LYS B 27 21.97 -7.76 0.39
CA LYS B 27 20.57 -7.73 0.80
C LYS B 27 19.74 -7.62 -0.47
N PHE B 28 18.85 -8.60 -0.67
CA PHE B 28 17.91 -8.61 -1.80
C PHE B 28 16.49 -8.34 -1.33
N LEU B 29 15.71 -7.66 -2.17
CA LEU B 29 14.29 -7.50 -1.97
C LEU B 29 13.51 -8.27 -3.02
N VAL B 30 12.26 -8.59 -2.66
CA VAL B 30 11.27 -9.10 -3.61
C VAL B 30 10.01 -8.27 -3.45
N ILE B 31 9.77 -7.40 -4.44
CA ILE B 31 8.73 -6.37 -4.40
C ILE B 31 7.78 -6.43 -5.59
N GLY B 32 6.63 -5.78 -5.43
CA GLY B 32 5.53 -5.91 -6.35
C GLY B 32 4.24 -6.09 -5.60
N SER B 33 3.14 -6.14 -6.34
CA SER B 33 1.83 -6.25 -5.77
C SER B 33 1.67 -7.51 -4.93
N ALA B 34 0.83 -7.41 -3.90
CA ALA B 34 0.43 -8.55 -3.10
C ALA B 34 -0.16 -9.63 -4.00
N GLY B 35 0.09 -10.89 -3.69
CA GLY B 35 -0.46 -11.99 -4.45
C GLY B 35 0.27 -12.35 -5.75
N THR B 36 1.40 -11.73 -6.04
CA THR B 36 2.14 -12.00 -7.31
C THR B 36 3.07 -13.21 -7.24
N GLY B 37 3.35 -13.68 -6.03
CA GLY B 37 4.21 -14.84 -5.80
C GLY B 37 5.59 -14.48 -5.27
N LYS B 38 5.72 -13.32 -4.68
CA LYS B 38 7.02 -12.87 -4.19
C LYS B 38 7.59 -13.77 -3.09
N SER B 39 6.73 -14.22 -2.19
CA SER B 39 7.16 -15.08 -1.08
C SER B 39 7.42 -16.48 -1.56
N CYS B 40 6.60 -16.97 -2.48
CA CYS B 40 6.90 -18.26 -3.14
C CYS B 40 8.22 -18.30 -3.92
N LEU B 41 8.58 -17.19 -4.59
CA LEU B 41 9.88 -17.06 -5.29
C LEU B 41 11.06 -17.21 -4.32
N LEU B 42 10.98 -16.50 -3.21
CA LEU B 42 11.96 -16.61 -2.16
C LEU B 42 12.09 -18.07 -1.66
N HIS B 43 10.96 -18.69 -1.36
CA HIS B 43 10.90 -20.06 -0.84
CA HIS B 43 11.01 -20.02 -0.81
C HIS B 43 11.54 -21.06 -1.81
N GLN B 44 11.25 -20.89 -3.09
CA GLN B 44 11.76 -21.78 -4.11
C GLN B 44 13.30 -21.60 -4.30
N PHE B 45 13.77 -20.36 -4.26
CA PHE B 45 15.19 -20.12 -4.37
C PHE B 45 15.94 -20.75 -3.21
N ILE B 46 15.50 -20.45 -1.99
CA ILE B 46 16.17 -20.91 -0.78
C ILE B 46 16.01 -22.42 -0.49
N GLU B 47 14.87 -22.99 -0.88
CA GLU B 47 14.61 -24.42 -0.66
C GLU B 47 14.77 -25.19 -1.96
N VAL B 60 8.53 -16.71 5.53
CA VAL B 60 9.58 -16.41 6.51
C VAL B 60 10.18 -15.03 6.21
N GLU B 61 10.63 -14.32 7.25
CA GLU B 61 10.97 -12.89 7.12
C GLU B 61 12.23 -12.64 6.28
N PHE B 62 13.21 -13.53 6.39
CA PHE B 62 14.33 -13.52 5.47
CA PHE B 62 14.43 -13.49 5.57
C PHE B 62 14.78 -14.93 5.18
N GLY B 63 15.47 -15.09 4.06
CA GLY B 63 16.09 -16.35 3.69
C GLY B 63 17.43 -16.00 3.09
N SER B 64 18.45 -16.83 3.32
CA SER B 64 19.74 -16.56 2.73
C SER B 64 20.35 -17.81 2.08
N ARG B 65 21.19 -17.56 1.09
CA ARG B 65 21.82 -18.63 0.32
C ARG B 65 23.15 -18.15 -0.18
N VAL B 66 24.17 -18.98 -0.02
CA VAL B 66 25.48 -18.66 -0.50
C VAL B 66 25.61 -19.30 -1.88
N VAL B 67 26.00 -18.48 -2.84
CA VAL B 67 26.02 -18.86 -4.25
C VAL B 67 27.36 -18.46 -4.83
N ASN B 68 27.81 -19.22 -5.82
CA ASN B 68 29.04 -18.93 -6.54
C ASN B 68 28.70 -18.34 -7.88
N VAL B 69 29.12 -17.09 -8.12
CA VAL B 69 28.83 -16.44 -9.40
C VAL B 69 30.01 -15.55 -9.77
N GLY B 70 30.43 -15.65 -11.04
CA GLY B 70 31.67 -15.01 -11.48
C GLY B 70 32.89 -15.53 -10.73
N GLY B 71 32.89 -16.84 -10.45
CA GLY B 71 33.97 -17.49 -9.67
C GLY B 71 34.22 -16.89 -8.29
N LYS B 72 33.20 -16.23 -7.74
CA LYS B 72 33.25 -15.59 -6.41
C LYS B 72 32.10 -16.09 -5.57
N THR B 73 32.27 -16.15 -4.26
CA THR B 73 31.21 -16.61 -3.35
C THR B 73 30.47 -15.43 -2.67
N VAL B 74 29.17 -15.39 -2.88
CA VAL B 74 28.32 -14.30 -2.40
C VAL B 74 27.13 -14.85 -1.60
N LYS B 75 26.82 -14.21 -0.49
CA LYS B 75 25.63 -14.52 0.29
C LYS B 75 24.49 -13.62 -0.14
N LEU B 76 23.42 -14.24 -0.63
CA LEU B 76 22.18 -13.51 -0.98
C LEU B 76 21.20 -13.59 0.19
N GLN B 77 21.04 -12.46 0.89
CA GLN B 77 20.12 -12.35 2.02
C GLN B 77 18.84 -11.71 1.55
N ILE B 78 17.80 -12.51 1.35
CA ILE B 78 16.59 -12.08 0.69
C ILE B 78 15.55 -11.73 1.73
N TRP B 79 15.01 -10.51 1.65
CA TRP B 79 14.06 -10.01 2.63
C TRP B 79 12.66 -10.11 2.07
N ASP B 80 11.77 -10.72 2.87
CA ASP B 80 10.36 -10.87 2.53
C ASP B 80 9.59 -9.70 3.15
N THR B 81 8.57 -9.18 2.48
CA THR B 81 7.77 -8.05 2.99
C THR B 81 6.84 -8.42 4.16
N ALA B 82 6.78 -9.71 4.49
CA ALA B 82 5.92 -10.23 5.56
C ALA B 82 4.45 -9.81 5.36
N GLY B 83 4.04 -9.73 4.09
CA GLY B 83 2.64 -9.51 3.74
C GLY B 83 2.14 -8.10 3.93
N GLN B 84 3.04 -7.21 4.28
CA GLN B 84 2.70 -5.89 4.76
C GLN B 84 1.95 -5.09 3.69
N GLU B 85 2.33 -5.32 2.44
CA GLU B 85 1.77 -4.59 1.31
C GLU B 85 0.31 -4.87 1.04
N ARG B 86 -0.22 -5.98 1.55
CA ARG B 86 -1.66 -6.20 1.41
C ARG B 86 -2.51 -5.32 2.33
N PHE B 87 -1.89 -4.73 3.33
CA PHE B 87 -2.65 -3.97 4.34
C PHE B 87 -2.23 -2.51 4.49
N ARG B 88 -1.01 -2.17 4.07
CA ARG B 88 -0.44 -0.84 4.31
CA ARG B 88 -0.44 -0.84 4.30
C ARG B 88 0.75 -0.56 3.37
N SER B 89 1.32 0.63 3.47
CA SER B 89 2.55 0.97 2.78
C SER B 89 3.69 0.14 3.39
N VAL B 90 4.65 -0.28 2.56
CA VAL B 90 5.80 -1.04 3.06
C VAL B 90 6.73 -0.12 3.87
N THR B 91 7.21 -0.61 5.01
CA THR B 91 8.09 0.17 5.89
C THR B 91 9.42 0.53 5.19
N ARG B 92 9.90 1.75 5.39
CA ARG B 92 11.18 2.22 4.80
C ARG B 92 12.34 1.27 5.07
N SER B 93 12.38 0.70 6.27
CA SER B 93 13.46 -0.17 6.70
C SER B 93 13.51 -1.52 5.97
N TYR B 94 12.39 -1.94 5.37
CA TYR B 94 12.42 -3.07 4.43
C TYR B 94 13.45 -2.83 3.34
N TYR B 95 13.37 -1.67 2.72
CA TYR B 95 14.20 -1.34 1.56
C TYR B 95 15.66 -1.03 1.88
N ARG B 96 15.89 -0.41 3.04
CA ARG B 96 17.19 0.17 3.35
C ARG B 96 18.32 -0.82 3.17
N GLY B 97 19.34 -0.40 2.43
CA GLY B 97 20.60 -1.13 2.32
C GLY B 97 20.64 -2.21 1.27
N ALA B 98 19.53 -2.37 0.52
CA ALA B 98 19.41 -3.43 -0.49
C ALA B 98 20.30 -3.18 -1.70
N ALA B 99 21.08 -4.19 -2.08
CA ALA B 99 21.91 -4.10 -3.28
C ALA B 99 21.11 -4.51 -4.52
N GLY B 100 20.10 -5.36 -4.33
CA GLY B 100 19.33 -5.94 -5.42
C GLY B 100 17.86 -6.17 -5.11
N ALA B 101 17.06 -6.30 -6.15
CA ALA B 101 15.62 -6.55 -6.01
C ALA B 101 15.06 -7.37 -7.18
N LEU B 102 14.19 -8.32 -6.87
CA LEU B 102 13.32 -8.91 -7.87
C LEU B 102 12.08 -8.05 -7.85
N LEU B 103 11.73 -7.46 -9.00
CA LEU B 103 10.54 -6.70 -9.18
C LEU B 103 9.55 -7.61 -9.90
N VAL B 104 8.43 -7.92 -9.26
CA VAL B 104 7.58 -9.05 -9.63
C VAL B 104 6.19 -8.61 -9.99
N TYR B 105 5.61 -9.22 -11.04
CA TYR B 105 4.18 -9.06 -11.36
C TYR B 105 3.64 -10.43 -11.70
N ASP B 106 2.33 -10.53 -11.81
CA ASP B 106 1.65 -11.78 -12.14
C ASP B 106 1.20 -11.60 -13.59
N ILE B 107 1.64 -12.51 -14.49
CA ILE B 107 1.31 -12.37 -15.92
C ILE B 107 -0.20 -12.46 -16.19
N THR B 108 -0.94 -13.06 -15.25
CA THR B 108 -2.39 -13.29 -15.34
C THR B 108 -3.21 -12.12 -14.73
N SER B 109 -2.52 -11.09 -14.21
CA SER B 109 -3.21 -9.97 -13.60
C SER B 109 -2.57 -8.66 -14.04
N ARG B 110 -3.26 -7.99 -14.94
CA ARG B 110 -2.77 -6.81 -15.56
C ARG B 110 -2.53 -5.65 -14.58
N GLU B 111 -3.38 -5.54 -13.58
CA GLU B 111 -3.22 -4.48 -12.58
C GLU B 111 -1.90 -4.58 -11.82
N THR B 112 -1.42 -5.81 -11.55
CA THR B 112 -0.10 -5.99 -10.91
C THR B 112 1.05 -5.47 -11.82
N TYR B 113 0.87 -5.65 -13.13
CA TYR B 113 1.83 -5.17 -14.16
C TYR B 113 1.85 -3.65 -14.27
N ASN B 114 0.65 -3.06 -14.29
CA ASN B 114 0.47 -1.61 -14.23
C ASN B 114 1.08 -0.87 -13.05
N SER B 115 1.35 -1.59 -11.98
CA SER B 115 1.86 -0.99 -10.73
CA SER B 115 1.86 -0.99 -10.73
C SER B 115 3.39 -0.96 -10.64
N LEU B 116 4.07 -1.56 -11.61
CA LEU B 116 5.52 -1.77 -11.55
C LEU B 116 6.37 -0.52 -11.38
N ALA B 117 6.00 0.55 -12.07
CA ALA B 117 6.87 1.76 -12.04
C ALA B 117 6.86 2.38 -10.65
N ALA B 118 5.71 2.31 -9.96
CA ALA B 118 5.58 2.77 -8.55
C ALA B 118 6.48 1.94 -7.59
N TRP B 119 6.46 0.62 -7.73
CA TRP B 119 7.40 -0.26 -7.01
C TRP B 119 8.85 0.03 -7.37
N LEU B 120 9.13 0.28 -8.65
CA LEU B 120 10.52 0.60 -9.08
C LEU B 120 10.99 1.96 -8.53
N THR B 121 10.15 2.99 -8.63
CA THR B 121 10.44 4.28 -7.97
C THR B 121 10.71 4.14 -6.46
N ASP B 122 9.91 3.35 -5.77
CA ASP B 122 10.10 3.12 -4.31
C ASP B 122 11.43 2.46 -4.04
N ALA B 123 11.75 1.43 -4.82
CA ALA B 123 13.05 0.77 -4.71
C ALA B 123 14.22 1.79 -4.79
N ARG B 124 14.19 2.63 -5.81
CA ARG B 124 15.30 3.54 -6.07
C ARG B 124 15.35 4.73 -5.12
N THR B 125 14.20 5.13 -4.61
CA THR B 125 14.11 6.15 -3.57
C THR B 125 14.47 5.61 -2.17
N LEU B 126 14.03 4.38 -1.84
CA LEU B 126 14.13 3.89 -0.43
C LEU B 126 15.29 2.93 -0.20
N ALA B 127 15.80 2.32 -1.27
CA ALA B 127 17.04 1.57 -1.18
C ALA B 127 18.13 2.50 -1.63
N SER B 128 18.19 2.71 -2.93
CA SER B 128 19.23 3.54 -3.56
C SER B 128 18.98 3.57 -5.07
N PRO B 129 19.29 4.73 -5.71
CA PRO B 129 19.15 4.87 -7.15
C PRO B 129 19.95 3.84 -7.95
N ASN B 130 20.95 3.24 -7.31
CA ASN B 130 21.80 2.25 -7.94
C ASN B 130 21.41 0.81 -7.66
N ILE B 131 20.29 0.59 -6.95
CA ILE B 131 19.82 -0.77 -6.68
C ILE B 131 19.64 -1.51 -8.02
N VAL B 132 20.15 -2.75 -8.09
CA VAL B 132 20.01 -3.60 -9.28
C VAL B 132 18.68 -4.36 -9.23
N VAL B 133 17.87 -4.19 -10.28
CA VAL B 133 16.54 -4.72 -10.36
C VAL B 133 16.36 -5.61 -11.60
N ILE B 134 15.88 -6.82 -11.37
CA ILE B 134 15.43 -7.71 -12.43
C ILE B 134 13.89 -7.84 -12.38
N LEU B 135 13.29 -7.77 -13.57
CA LEU B 135 11.86 -7.86 -13.73
C LEU B 135 11.48 -9.32 -13.91
N CYS B 136 10.57 -9.77 -13.04
CA CYS B 136 10.08 -11.16 -13.10
C CYS B 136 8.60 -11.19 -13.39
N GLY B 137 8.25 -11.77 -14.53
CA GLY B 137 6.84 -12.02 -14.87
C GLY B 137 6.50 -13.37 -14.30
N ASN B 138 5.96 -13.39 -13.07
CA ASN B 138 5.71 -14.64 -12.36
C ASN B 138 4.37 -15.28 -12.79
N LYS B 139 4.22 -16.54 -12.38
CA LYS B 139 3.09 -17.42 -12.70
C LYS B 139 3.02 -17.86 -14.16
N LYS B 140 4.17 -18.07 -14.79
CA LYS B 140 4.16 -18.38 -16.24
C LYS B 140 3.52 -19.76 -16.56
N ASP B 141 3.45 -20.64 -15.56
CA ASP B 141 2.66 -21.91 -15.70
C ASP B 141 1.20 -21.67 -15.99
N LEU B 142 0.73 -20.42 -15.79
CA LEU B 142 -0.66 -20.05 -15.97
C LEU B 142 -0.84 -19.28 -17.27
N ASP B 143 -0.02 -19.62 -18.26
CA ASP B 143 -0.09 -19.06 -19.62
C ASP B 143 -1.50 -18.90 -20.25
N PRO B 144 -2.35 -19.93 -20.14
CA PRO B 144 -3.74 -19.80 -20.65
C PRO B 144 -4.61 -18.70 -20.00
N GLU B 145 -4.19 -18.17 -18.85
CA GLU B 145 -4.86 -17.02 -18.20
C GLU B 145 -4.13 -15.70 -18.43
N ARG B 146 -3.09 -15.73 -19.27
CA ARG B 146 -2.20 -14.57 -19.43
C ARG B 146 -2.98 -13.30 -19.77
N GLU B 147 -2.66 -12.21 -19.07
CA GLU B 147 -3.18 -10.90 -19.42
C GLU B 147 -2.09 -9.94 -19.83
N VAL B 148 -0.82 -10.34 -19.70
CA VAL B 148 0.30 -9.47 -20.08
C VAL B 148 1.20 -10.24 -21.05
N THR B 149 1.50 -9.65 -22.21
CA THR B 149 2.35 -10.34 -23.20
C THR B 149 3.83 -10.27 -22.79
N PHE B 150 4.61 -11.26 -23.17
CA PHE B 150 6.04 -11.24 -22.95
C PHE B 150 6.65 -10.00 -23.61
N LEU B 151 6.20 -9.74 -24.83
CA LEU B 151 6.67 -8.64 -25.66
C LEU B 151 6.60 -7.27 -24.98
N GLU B 152 5.40 -6.91 -24.52
CA GLU B 152 5.18 -5.62 -23.90
C GLU B 152 5.93 -5.49 -22.60
N ALA B 153 6.00 -6.57 -21.84
CA ALA B 153 6.81 -6.57 -20.59
C ALA B 153 8.29 -6.42 -20.93
N SER B 154 8.73 -7.07 -22.02
CA SER B 154 10.12 -7.00 -22.44
C SER B 154 10.52 -5.58 -22.85
N ARG B 155 9.64 -4.92 -23.59
CA ARG B 155 9.84 -3.50 -23.96
C ARG B 155 9.98 -2.65 -22.73
N PHE B 156 9.08 -2.85 -21.78
CA PHE B 156 9.09 -2.07 -20.50
C PHE B 156 10.40 -2.29 -19.78
N ALA B 157 10.85 -3.55 -19.70
CA ALA B 157 12.14 -3.86 -19.05
C ALA B 157 13.26 -3.10 -19.77
N GLN B 158 13.32 -3.24 -21.10
CA GLN B 158 14.38 -2.58 -21.87
C GLN B 158 14.32 -1.05 -21.74
N GLU B 159 13.12 -0.47 -21.85
CA GLU B 159 12.95 1.00 -21.58
C GLU B 159 13.59 1.47 -20.27
N ASN B 160 13.51 0.62 -19.24
CA ASN B 160 14.02 0.95 -17.92
C ASN B 160 15.38 0.36 -17.65
N GLU B 161 15.98 -0.28 -18.67
CA GLU B 161 17.30 -0.92 -18.58
C GLU B 161 17.38 -2.05 -17.52
N LEU B 162 16.39 -2.93 -17.56
CA LEU B 162 16.31 -4.06 -16.66
C LEU B 162 16.37 -5.37 -17.45
N MET B 163 17.00 -6.39 -16.88
CA MET B 163 16.83 -7.75 -17.39
C MET B 163 15.41 -8.16 -17.02
N PHE B 164 14.82 -9.03 -17.84
CA PHE B 164 13.42 -9.49 -17.75
C PHE B 164 13.36 -10.98 -17.96
N LEU B 165 12.62 -11.67 -17.11
CA LEU B 165 12.40 -13.12 -17.23
C LEU B 165 10.99 -13.37 -16.77
N GLU B 166 10.31 -14.30 -17.43
CA GLU B 166 9.13 -14.91 -16.86
C GLU B 166 9.50 -16.11 -15.98
N THR B 167 8.84 -16.21 -14.83
CA THR B 167 9.15 -17.18 -13.82
C THR B 167 7.90 -17.95 -13.45
N SER B 168 8.12 -19.09 -12.82
CA SER B 168 7.07 -19.79 -12.09
C SER B 168 7.69 -20.26 -10.81
N ALA B 169 7.30 -19.62 -9.70
CA ALA B 169 7.66 -20.09 -8.36
C ALA B 169 7.03 -21.46 -8.07
N LEU B 170 5.93 -21.78 -8.72
CA LEU B 170 5.27 -23.08 -8.54
C LEU B 170 6.14 -24.25 -9.08
N THR B 171 6.56 -24.19 -10.35
CA THR B 171 7.40 -25.26 -10.94
C THR B 171 8.88 -25.05 -10.78
N GLY B 172 9.29 -23.82 -10.43
CA GLY B 172 10.69 -23.48 -10.28
C GLY B 172 11.36 -22.93 -11.52
N GLU B 173 10.58 -22.78 -12.59
CA GLU B 173 11.10 -22.31 -13.88
C GLU B 173 11.63 -20.87 -13.83
N ASN B 174 12.92 -20.73 -14.11
CA ASN B 174 13.68 -19.46 -14.20
C ASN B 174 13.91 -18.78 -12.86
N VAL B 175 13.56 -19.45 -11.76
CA VAL B 175 13.68 -18.82 -10.44
C VAL B 175 15.14 -18.63 -10.03
N GLU B 176 15.91 -19.71 -10.05
CA GLU B 176 17.38 -19.64 -9.87
C GLU B 176 17.97 -18.55 -10.77
N GLU B 177 17.64 -18.60 -12.05
CA GLU B 177 18.12 -17.64 -13.04
C GLU B 177 17.87 -16.16 -12.61
N ALA B 178 16.68 -15.88 -12.09
CA ALA B 178 16.32 -14.50 -11.72
C ALA B 178 17.23 -14.01 -10.62
N PHE B 179 17.43 -14.82 -9.58
CA PHE B 179 18.29 -14.44 -8.46
C PHE B 179 19.77 -14.29 -8.85
N LEU B 180 20.31 -15.27 -9.57
CA LEU B 180 21.73 -15.27 -9.95
C LEU B 180 22.10 -14.15 -10.93
N LYS B 181 21.26 -13.95 -11.93
CA LYS B 181 21.43 -12.86 -12.89
C LYS B 181 21.56 -11.50 -12.16
N CYS B 182 20.69 -11.30 -11.17
CA CYS B 182 20.73 -10.07 -10.35
C CYS B 182 22.03 -9.96 -9.61
N ALA B 183 22.45 -11.06 -9.00
CA ALA B 183 23.68 -11.14 -8.24
C ALA B 183 24.91 -10.86 -9.09
N ARG B 184 24.93 -11.46 -10.29
CA ARG B 184 26.03 -11.29 -11.26
C ARG B 184 26.14 -9.86 -11.71
N THR B 185 25.00 -9.25 -12.03
CA THR B 185 24.97 -7.84 -12.40
C THR B 185 25.46 -6.90 -11.29
N ILE B 186 25.11 -7.20 -10.03
CA ILE B 186 25.64 -6.44 -8.90
C ILE B 186 27.18 -6.59 -8.84
N LEU B 187 27.67 -7.83 -8.86
CA LEU B 187 29.11 -8.10 -8.93
C LEU B 187 29.85 -7.38 -10.07
N ASN B 188 29.25 -7.32 -11.26
CA ASN B 188 29.86 -6.58 -12.39
C ASN B 188 30.05 -5.13 -12.04
N LYS B 189 29.02 -4.54 -11.42
CA LYS B 189 28.99 -3.12 -11.08
C LYS B 189 30.00 -2.76 -9.97
N ILE B 190 30.35 -3.70 -9.12
CA ILE B 190 31.39 -3.48 -8.09
C ILE B 190 32.77 -3.71 -8.71
N ASP B 191 33.00 -3.19 -9.92
CA ASP B 191 34.14 -3.61 -10.74
C ASP B 191 34.43 -2.61 -11.86
#